data_7Q34
#
_entry.id   7Q34
#
_cell.length_a   44.658
_cell.length_b   68.019
_cell.length_c   200.858
_cell.angle_alpha   90.000
_cell.angle_beta   90.000
_cell.angle_gamma   90.000
#
_symmetry.space_group_name_H-M   'P 21 21 21'
#
loop_
_entity.id
_entity.type
_entity.pdbx_description
1 polymer 'Helix-turn-helix transcriptional regulator'
2 non-polymer 'NICKEL (II) ION'
3 non-polymer 2,4-bis[(E)-(1-ethyl-3,3-dimethyl-indol-2-ylidene)methyl]cyclobutane-1,3-dione
#
_entity_poly.entity_id   1
_entity_poly.type   'polypeptide(L)'
_entity_poly.pdbx_seq_one_letter_code
;MGAEIPKEMLRAQTNVILLNVLKQGDNYVYGIIKQVKEASNGEMELNEATLYTIFDRLEQDGIISSYAGDESQGGRRKYY
RLTEIGHENMRLAFESWSRVDKIIENLEANKKSEAIKSRGGSGGASHPQFEK
;
_entity_poly.pdbx_strand_id   A,B,C,D
#
loop_
_chem_comp.id
_chem_comp.type
_chem_comp.name
_chem_comp.formula
8TF non-polymer 2,4-bis[(E)-(1-ethyl-3,3-dimethyl-indol-2-ylidene)methyl]cyclobutane-1,3-dione 'C30 H34 N2 O2'
NI non-polymer 'NICKEL (II) ION' 'Ni 2'
#
# COMPACT_ATOMS: atom_id res chain seq x y z
N PRO A 6 -18.44 5.64 4.82
CA PRO A 6 -17.71 4.40 4.47
C PRO A 6 -16.36 4.24 5.17
N LYS A 7 -15.80 3.02 5.16
CA LYS A 7 -14.54 2.67 5.88
C LYS A 7 -13.36 3.31 5.13
N GLU A 8 -13.35 3.22 3.81
CA GLU A 8 -12.24 3.68 2.93
C GLU A 8 -11.95 5.16 3.25
N MET A 9 -13.00 5.98 3.35
CA MET A 9 -12.91 7.45 3.50
C MET A 9 -12.42 7.80 4.90
N LEU A 10 -12.97 7.17 5.94
CA LEU A 10 -12.57 7.39 7.36
C LEU A 10 -11.06 7.20 7.51
N ARG A 11 -10.52 6.11 6.94
CA ARG A 11 -9.09 5.74 7.11
C ARG A 11 -8.23 6.75 6.34
N ALA A 12 -8.76 7.27 5.23
CA ALA A 12 -8.16 8.34 4.41
C ALA A 12 -8.08 9.63 5.23
N GLN A 13 -9.24 10.12 5.68
CA GLN A 13 -9.34 11.29 6.59
C GLN A 13 -8.40 11.06 7.78
N THR A 14 -8.29 9.83 8.25
CA THR A 14 -7.39 9.55 9.40
C THR A 14 -5.94 9.74 8.98
N ASN A 15 -5.61 9.36 7.75
CA ASN A 15 -4.22 9.47 7.22
C ASN A 15 -3.84 10.96 7.14
N VAL A 16 -4.77 11.80 6.72
CA VAL A 16 -4.49 13.24 6.52
C VAL A 16 -4.22 13.87 7.88
N ILE A 17 -5.10 13.64 8.82
CA ILE A 17 -4.99 14.25 10.17
C ILE A 17 -3.67 13.80 10.81
N LEU A 18 -3.27 12.56 10.63
CA LEU A 18 -2.04 12.08 11.29
C LEU A 18 -0.85 12.81 10.68
N LEU A 19 -0.80 12.91 9.35
CA LEU A 19 0.30 13.59 8.63
C LEU A 19 0.35 15.07 9.01
N ASN A 20 -0.79 15.76 9.02
CA ASN A 20 -0.82 17.15 9.50
C ASN A 20 -0.31 17.21 10.93
N VAL A 21 -0.59 16.20 11.76
CA VAL A 21 -0.05 16.22 13.16
C VAL A 21 1.47 16.22 13.07
N LEU A 22 2.06 15.42 12.19
CA LEU A 22 3.52 15.26 12.21
C LEU A 22 4.13 16.52 11.59
N LYS A 23 3.48 17.14 10.60
CA LYS A 23 3.86 18.43 9.96
C LYS A 23 4.09 19.52 11.02
N GLN A 24 3.24 19.62 12.03
CA GLN A 24 3.40 20.60 13.12
C GLN A 24 4.51 20.16 14.09
N GLY A 25 5.19 19.03 13.86
CA GLY A 25 6.37 18.66 14.69
C GLY A 25 6.49 17.15 14.92
N ASP A 26 7.72 16.64 14.98
CA ASP A 26 7.98 15.23 15.40
C ASP A 26 7.02 14.98 16.58
N ASN A 27 6.55 13.75 16.76
CA ASN A 27 5.66 13.42 17.90
C ASN A 27 5.55 11.91 18.13
N TYR A 28 5.10 11.51 19.33
CA TYR A 28 4.93 10.12 19.82
C TYR A 28 3.42 9.82 19.98
N VAL A 29 3.09 8.53 20.08
CA VAL A 29 1.72 7.97 19.93
C VAL A 29 0.77 8.69 20.90
N TYR A 30 1.00 8.54 22.20
CA TYR A 30 0.18 9.21 23.24
C TYR A 30 0.02 10.71 22.87
N GLY A 31 1.12 11.41 22.55
CA GLY A 31 1.11 12.85 22.19
C GLY A 31 0.17 13.14 21.04
N ILE A 32 0.30 12.39 19.96
CA ILE A 32 -0.59 12.51 18.77
C ILE A 32 -2.06 12.36 19.22
N ILE A 33 -2.42 11.24 19.87
CA ILE A 33 -3.83 10.98 20.25
C ILE A 33 -4.35 12.14 21.12
N LYS A 34 -3.58 12.56 22.10
CA LYS A 34 -3.92 13.73 22.94
C LYS A 34 -4.23 14.89 21.98
N GLN A 35 -3.26 15.24 21.12
CA GLN A 35 -3.34 16.46 20.27
C GLN A 35 -4.52 16.37 19.29
N VAL A 36 -4.97 15.16 18.98
CA VAL A 36 -6.10 14.91 18.04
C VAL A 36 -7.44 15.00 18.77
N LYS A 37 -7.53 14.44 19.98
CA LYS A 37 -8.67 14.65 20.93
C LYS A 37 -8.96 16.14 21.06
N GLU A 38 -7.97 16.91 21.51
CA GLU A 38 -8.03 18.39 21.66
C GLU A 38 -8.52 19.05 20.36
N ALA A 39 -7.85 18.82 19.23
CA ALA A 39 -8.13 19.53 17.96
C ALA A 39 -9.55 19.22 17.48
N SER A 40 -10.06 18.00 17.76
CA SER A 40 -11.41 17.52 17.34
C SER A 40 -12.46 17.81 18.42
N ASN A 41 -12.13 18.62 19.43
CA ASN A 41 -13.03 18.98 20.56
C ASN A 41 -13.61 17.73 21.25
N GLY A 42 -12.99 16.55 21.08
CA GLY A 42 -13.38 15.31 21.75
C GLY A 42 -14.08 14.34 20.82
N GLU A 43 -14.41 14.78 19.61
CA GLU A 43 -15.13 13.97 18.60
C GLU A 43 -14.24 12.80 18.15
N MET A 44 -12.93 12.93 18.31
CA MET A 44 -11.97 12.04 17.63
C MET A 44 -10.87 11.56 18.57
N GLU A 45 -10.94 10.27 18.89
CA GLU A 45 -10.16 9.59 19.93
C GLU A 45 -9.60 8.34 19.28
N LEU A 46 -8.32 8.35 18.94
CA LEU A 46 -7.71 7.27 18.13
C LEU A 46 -7.13 6.23 19.08
N ASN A 47 -7.24 4.96 18.73
CA ASN A 47 -6.65 3.85 19.52
C ASN A 47 -5.24 3.54 18.98
N GLU A 48 -4.29 3.33 19.89
CA GLU A 48 -2.91 2.89 19.61
C GLU A 48 -2.86 2.04 18.34
N ALA A 49 -3.74 1.03 18.25
CA ALA A 49 -3.61 -0.14 17.35
C ALA A 49 -3.82 0.28 15.90
N THR A 50 -4.95 0.95 15.64
CA THR A 50 -5.21 1.75 14.42
C THR A 50 -3.92 2.50 14.04
N LEU A 51 -3.41 3.33 14.96
CA LEU A 51 -2.29 4.24 14.65
C LEU A 51 -1.11 3.42 14.15
N TYR A 52 -0.81 2.32 14.85
CA TYR A 52 0.40 1.49 14.64
C TYR A 52 0.40 0.91 13.21
N THR A 53 -0.79 0.59 12.70
CA THR A 53 -0.95 -0.13 11.41
C THR A 53 -0.78 0.92 10.33
N ILE A 54 -1.43 2.08 10.52
CA ILE A 54 -1.27 3.31 9.68
C ILE A 54 0.20 3.72 9.57
N PHE A 55 0.92 3.80 10.69
CA PHE A 55 2.35 4.18 10.74
C PHE A 55 3.19 3.07 10.14
N ASP A 56 2.76 1.83 10.29
CA ASP A 56 3.43 0.65 9.70
C ASP A 56 3.49 0.82 8.18
N ARG A 57 2.37 1.14 7.52
CA ARG A 57 2.37 1.33 6.05
C ARG A 57 3.21 2.58 5.74
N LEU A 58 3.00 3.70 6.44
CA LEU A 58 3.74 4.96 6.16
C LEU A 58 5.26 4.77 6.34
N GLU A 59 5.77 4.10 7.40
CA GLU A 59 7.23 3.80 7.39
C GLU A 59 7.59 2.99 6.14
N GLN A 60 6.83 1.94 5.85
CA GLN A 60 7.12 0.91 4.82
C GLN A 60 7.20 1.54 3.41
N ASP A 61 6.43 2.60 3.16
CA ASP A 61 6.42 3.44 1.91
C ASP A 61 7.36 4.66 2.02
N GLY A 62 8.17 4.78 3.07
CA GLY A 62 9.20 5.81 3.22
C GLY A 62 8.64 7.21 3.43
N ILE A 63 7.36 7.33 3.75
CA ILE A 63 6.62 8.58 4.04
C ILE A 63 7.06 9.19 5.37
N ILE A 64 7.05 8.39 6.44
CA ILE A 64 7.57 8.76 7.78
C ILE A 64 8.70 7.82 8.13
N SER A 65 9.44 8.15 9.17
CA SER A 65 10.44 7.28 9.83
C SER A 65 10.38 7.57 11.32
N SER A 66 11.20 6.93 12.13
CA SER A 66 11.06 6.94 13.61
C SER A 66 12.43 7.03 14.26
N TYR A 67 12.51 7.52 15.48
CA TYR A 67 13.80 7.53 16.22
C TYR A 67 13.46 7.60 17.69
N ALA A 68 14.43 7.22 18.53
CA ALA A 68 14.38 7.33 20.00
C ALA A 68 14.82 8.73 20.43
N GLY A 69 14.13 9.33 21.41
CA GLY A 69 14.54 10.62 22.01
C GLY A 69 14.28 10.61 23.50
N ASP A 70 15.10 11.34 24.26
CA ASP A 70 14.99 11.41 25.74
C ASP A 70 14.06 12.57 26.16
N GLU A 71 14.28 13.12 27.35
CA GLU A 71 13.33 14.02 28.08
C GLU A 71 14.12 14.97 29.00
N GLY A 74 10.37 11.65 32.32
CA GLY A 74 9.86 10.78 31.24
C GLY A 74 10.62 9.47 31.13
N GLY A 75 11.41 9.32 30.06
CA GLY A 75 12.09 8.08 29.65
C GLY A 75 12.21 8.06 28.14
N ARG A 76 12.85 7.04 27.54
CA ARG A 76 13.08 7.00 26.07
C ARG A 76 11.79 6.66 25.34
N ARG A 77 11.36 7.56 24.44
CA ARG A 77 10.11 7.49 23.65
C ARG A 77 10.44 7.17 22.20
N LYS A 78 9.45 6.65 21.46
CA LYS A 78 9.55 6.44 20.01
C LYS A 78 8.90 7.64 19.33
N TYR A 79 9.73 8.45 18.64
CA TYR A 79 9.32 9.65 17.88
C TYR A 79 9.16 9.25 16.43
N TYR A 80 8.19 9.87 15.75
CA TYR A 80 7.91 9.73 14.29
C TYR A 80 8.08 11.11 13.65
N ARG A 81 8.59 11.13 12.43
CA ARG A 81 8.87 12.36 11.64
C ARG A 81 8.47 12.16 10.18
N LEU A 82 7.87 13.20 9.59
CA LEU A 82 7.67 13.36 8.14
C LEU A 82 9.05 13.25 7.50
N THR A 83 9.18 12.42 6.47
CA THR A 83 10.40 12.26 5.66
C THR A 83 10.32 13.27 4.54
N GLU A 84 11.46 13.47 3.92
CA GLU A 84 11.71 14.33 2.75
C GLU A 84 10.57 14.02 1.77
N ILE A 85 10.35 12.74 1.47
CA ILE A 85 9.30 12.33 0.50
C ILE A 85 7.93 12.70 1.09
N GLY A 86 7.71 12.34 2.36
CA GLY A 86 6.50 12.74 3.11
C GLY A 86 6.10 14.16 2.78
N HIS A 87 7.03 15.12 2.99
CA HIS A 87 6.81 16.60 2.87
C HIS A 87 6.39 16.89 1.44
N GLU A 88 7.08 16.28 0.48
CA GLU A 88 6.79 16.44 -0.97
C GLU A 88 5.33 16.05 -1.23
N ASN A 89 4.89 14.89 -0.73
CA ASN A 89 3.54 14.34 -1.04
C ASN A 89 2.44 15.25 -0.49
N MET A 90 2.59 15.77 0.72
CA MET A 90 1.62 16.71 1.35
C MET A 90 1.51 18.04 0.58
N ARG A 91 2.64 18.68 0.25
CA ARG A 91 2.73 19.83 -0.69
C ARG A 91 1.90 19.52 -1.94
N LEU A 92 2.22 18.44 -2.63
CA LEU A 92 1.54 18.03 -3.89
C LEU A 92 0.04 17.95 -3.63
N ALA A 93 -0.37 16.97 -2.81
CA ALA A 93 -1.75 16.79 -2.30
C ALA A 93 -2.39 18.16 -2.05
N PHE A 94 -1.84 18.96 -1.15
CA PHE A 94 -2.42 20.27 -0.75
C PHE A 94 -2.57 21.17 -2.00
N GLU A 95 -1.60 21.15 -2.90
CA GLU A 95 -1.57 22.02 -4.11
C GLU A 95 -2.69 21.58 -5.07
N SER A 96 -2.60 20.36 -5.60
CA SER A 96 -3.64 19.74 -6.46
C SER A 96 -5.05 19.86 -5.84
N TRP A 97 -5.22 19.67 -4.53
CA TRP A 97 -6.58 19.75 -3.91
C TRP A 97 -7.01 21.21 -3.93
N SER A 98 -6.09 22.15 -3.71
CA SER A 98 -6.40 23.60 -3.72
C SER A 98 -6.81 24.03 -5.14
N ARG A 99 -6.27 23.38 -6.17
CA ARG A 99 -6.66 23.61 -7.58
C ARG A 99 -8.09 23.14 -7.75
N VAL A 100 -8.37 21.89 -7.40
CA VAL A 100 -9.74 21.33 -7.53
C VAL A 100 -10.69 22.34 -6.89
N ASP A 101 -10.37 22.81 -5.69
CA ASP A 101 -11.22 23.76 -4.92
C ASP A 101 -11.57 24.98 -5.80
N LYS A 102 -10.59 25.69 -6.38
CA LYS A 102 -10.84 26.89 -7.22
C LYS A 102 -11.64 26.50 -8.48
N ILE A 103 -11.37 25.34 -9.09
CA ILE A 103 -12.03 24.91 -10.37
C ILE A 103 -13.56 24.92 -10.17
N ILE A 104 -14.00 24.12 -9.20
CA ILE A 104 -15.39 24.06 -8.66
C ILE A 104 -15.94 25.49 -8.57
N GLU A 105 -15.32 26.37 -7.77
CA GLU A 105 -15.68 27.83 -7.72
C GLU A 105 -16.01 28.37 -9.13
N ASN A 106 -15.24 28.04 -10.17
CA ASN A 106 -15.42 28.57 -11.56
C ASN A 106 -16.47 27.75 -12.33
N LEU A 107 -17.14 26.80 -11.67
CA LEU A 107 -18.48 26.30 -12.09
C LEU A 107 -19.55 27.17 -11.43
N GLU A 108 -19.13 28.22 -10.70
CA GLU A 108 -19.99 29.12 -9.89
C GLU A 108 -20.81 28.28 -8.91
N PRO B 6 0.02 10.55 -7.55
CA PRO B 6 -0.52 9.18 -7.40
C PRO B 6 -1.87 9.00 -8.13
N LYS B 7 -1.90 8.21 -9.21
CA LYS B 7 -3.08 7.91 -10.09
C LYS B 7 -4.34 7.63 -9.24
N GLU B 8 -4.16 6.92 -8.13
CA GLU B 8 -5.17 6.73 -7.06
C GLU B 8 -5.85 8.06 -6.75
N MET B 9 -5.06 9.12 -6.53
CA MET B 9 -5.51 10.42 -5.97
C MET B 9 -5.90 11.39 -7.08
N LEU B 10 -5.51 11.14 -8.33
CA LEU B 10 -6.05 11.92 -9.48
C LEU B 10 -7.53 11.61 -9.60
N ARG B 11 -7.87 10.32 -9.80
CA ARG B 11 -9.26 9.87 -10.04
C ARG B 11 -10.17 10.39 -8.92
N ALA B 12 -9.69 10.36 -7.69
CA ALA B 12 -10.40 10.98 -6.55
C ALA B 12 -10.82 12.40 -6.93
N GLN B 13 -9.85 13.19 -7.41
CA GLN B 13 -9.98 14.65 -7.66
C GLN B 13 -10.88 14.85 -8.86
N THR B 14 -10.75 13.99 -9.87
CA THR B 14 -11.59 14.01 -11.09
C THR B 14 -13.06 13.90 -10.70
N ASN B 15 -13.43 12.78 -10.07
CA ASN B 15 -14.84 12.42 -9.72
C ASN B 15 -15.50 13.65 -9.13
N VAL B 16 -14.83 14.30 -8.20
CA VAL B 16 -15.36 15.47 -7.46
C VAL B 16 -15.67 16.60 -8.47
N ILE B 17 -14.84 16.75 -9.50
CA ILE B 17 -15.02 17.82 -10.53
C ILE B 17 -16.28 17.46 -11.33
N LEU B 18 -16.30 16.27 -11.94
CA LEU B 18 -17.51 15.68 -12.56
C LEU B 18 -18.77 16.05 -11.73
N LEU B 19 -18.87 15.51 -10.52
CA LEU B 19 -20.09 15.58 -9.68
C LEU B 19 -20.49 17.03 -9.47
N ASN B 20 -19.52 17.90 -9.20
CA ASN B 20 -19.77 19.35 -8.98
C ASN B 20 -20.26 20.01 -10.27
N VAL B 21 -20.03 19.36 -11.43
CA VAL B 21 -20.58 19.83 -12.73
C VAL B 21 -22.06 19.41 -12.77
N LEU B 22 -22.36 18.11 -12.66
CA LEU B 22 -23.76 17.61 -12.69
C LEU B 22 -24.56 18.33 -11.59
N LYS B 23 -23.91 18.67 -10.47
CA LYS B 23 -24.51 19.49 -9.40
C LYS B 23 -25.14 20.75 -10.01
N GLN B 24 -24.35 21.50 -10.77
CA GLN B 24 -24.70 22.85 -11.29
C GLN B 24 -25.81 22.76 -12.33
N GLY B 25 -25.94 21.61 -13.01
CA GLY B 25 -26.97 21.33 -14.02
C GLY B 25 -26.75 19.95 -14.62
N ASP B 26 -27.77 19.41 -15.30
CA ASP B 26 -27.65 18.14 -16.07
C ASP B 26 -26.74 18.38 -17.27
N ASN B 27 -25.79 17.49 -17.58
CA ASN B 27 -24.80 17.75 -18.66
C ASN B 27 -24.41 16.45 -19.36
N TYR B 28 -23.77 16.56 -20.53
CA TYR B 28 -23.36 15.43 -21.41
C TYR B 28 -21.85 15.53 -21.57
N VAL B 29 -21.22 14.43 -21.97
CA VAL B 29 -19.73 14.27 -22.07
C VAL B 29 -19.10 15.64 -22.35
N TYR B 30 -19.32 16.15 -23.57
CA TYR B 30 -18.55 17.26 -24.19
C TYR B 30 -18.86 18.56 -23.42
N GLY B 31 -20.15 18.79 -23.12
CA GLY B 31 -20.63 19.92 -22.29
C GLY B 31 -19.97 19.95 -20.92
N ILE B 32 -19.53 18.79 -20.42
CA ILE B 32 -18.79 18.69 -19.13
C ILE B 32 -17.36 19.14 -19.40
N ILE B 33 -16.66 18.41 -20.25
CA ILE B 33 -15.28 18.75 -20.70
C ILE B 33 -15.17 20.27 -20.84
N LYS B 34 -15.92 20.84 -21.78
CA LYS B 34 -15.98 22.30 -22.02
C LYS B 34 -15.99 23.03 -20.67
N GLN B 35 -17.11 22.94 -19.95
CA GLN B 35 -17.35 23.65 -18.66
C GLN B 35 -16.11 23.54 -17.76
N VAL B 36 -15.42 22.40 -17.80
CA VAL B 36 -14.20 22.16 -16.98
C VAL B 36 -13.08 22.97 -17.60
N LYS B 37 -12.83 22.74 -18.90
CA LYS B 37 -11.86 23.52 -19.70
C LYS B 37 -12.00 24.98 -19.28
N GLU B 38 -13.17 25.57 -19.52
CA GLU B 38 -13.48 26.97 -19.12
C GLU B 38 -12.99 27.21 -17.69
N ALA B 39 -13.65 26.58 -16.71
CA ALA B 39 -13.53 26.81 -15.24
C ALA B 39 -12.11 26.55 -14.74
N SER B 40 -11.40 25.59 -15.34
CA SER B 40 -9.97 25.28 -15.02
C SER B 40 -9.06 26.39 -15.56
N ASN B 41 -9.55 27.15 -16.55
CA ASN B 41 -8.75 28.11 -17.37
C ASN B 41 -7.77 27.27 -18.19
N GLY B 42 -8.30 26.35 -19.01
CA GLY B 42 -7.51 25.41 -19.85
C GLY B 42 -6.68 24.42 -19.03
N GLU B 43 -6.46 24.75 -17.74
CA GLU B 43 -5.62 24.02 -16.75
C GLU B 43 -5.95 22.53 -16.75
N MET B 44 -7.23 22.16 -16.94
CA MET B 44 -7.70 20.76 -16.82
C MET B 44 -7.89 20.15 -18.22
N GLU B 45 -6.77 19.71 -18.78
CA GLU B 45 -6.70 18.70 -19.86
C GLU B 45 -7.72 17.59 -19.58
N LEU B 46 -8.95 17.74 -20.06
CA LEU B 46 -9.97 16.65 -20.04
C LEU B 46 -9.59 15.63 -21.13
N ASN B 47 -10.17 14.42 -21.05
CA ASN B 47 -9.81 13.25 -21.91
C ASN B 47 -11.08 12.51 -22.32
N GLU B 48 -11.48 12.62 -23.60
CA GLU B 48 -12.75 12.04 -24.13
C GLU B 48 -12.76 10.51 -23.94
N ALA B 49 -11.60 9.86 -24.02
CA ALA B 49 -11.45 8.38 -24.01
C ALA B 49 -11.74 7.82 -22.61
N THR B 50 -11.56 8.64 -21.56
CA THR B 50 -11.41 8.24 -20.13
C THR B 50 -12.71 8.40 -19.31
N LEU B 51 -13.68 9.21 -19.76
CA LEU B 51 -14.94 9.54 -19.02
C LEU B 51 -15.93 8.38 -19.08
N TYR B 52 -15.77 7.49 -20.05
CA TYR B 52 -16.24 6.08 -19.95
C TYR B 52 -15.45 5.44 -18.79
N THR B 53 -16.00 4.38 -18.18
CA THR B 53 -15.46 3.68 -16.97
C THR B 53 -15.73 4.57 -15.76
N ILE B 54 -15.39 5.85 -15.88
CA ILE B 54 -15.47 6.87 -14.77
C ILE B 54 -16.94 7.22 -14.51
N PHE B 55 -17.82 7.10 -15.50
CA PHE B 55 -19.28 7.41 -15.37
C PHE B 55 -20.08 6.11 -15.18
N ASP B 56 -19.57 4.96 -15.64
CA ASP B 56 -20.27 3.67 -15.46
C ASP B 56 -20.28 3.36 -13.97
N ARG B 57 -19.09 3.37 -13.36
CA ARG B 57 -18.87 2.92 -11.96
C ARG B 57 -19.78 3.73 -11.02
N LEU B 58 -20.11 4.99 -11.38
CA LEU B 58 -20.97 5.89 -10.56
C LEU B 58 -22.46 5.55 -10.74
N GLU B 59 -22.92 5.31 -11.96
CA GLU B 59 -24.31 4.82 -12.22
C GLU B 59 -24.41 3.41 -11.64
N GLN B 60 -23.39 2.56 -11.87
CA GLN B 60 -23.24 1.21 -11.27
C GLN B 60 -23.33 1.31 -9.75
N ASP B 61 -22.65 2.28 -9.14
CA ASP B 61 -22.68 2.49 -7.68
C ASP B 61 -24.09 3.03 -7.34
N GLY B 62 -24.54 4.12 -7.99
CA GLY B 62 -25.95 4.55 -7.98
C GLY B 62 -26.14 6.04 -7.70
N ILE B 63 -25.15 6.87 -8.03
CA ILE B 63 -25.10 8.32 -7.63
C ILE B 63 -25.43 9.21 -8.85
N ILE B 64 -25.69 8.59 -9.99
CA ILE B 64 -25.68 9.27 -11.33
C ILE B 64 -26.68 8.53 -12.25
N SER B 65 -27.52 9.27 -12.98
CA SER B 65 -28.49 8.70 -13.94
C SER B 65 -28.20 9.21 -15.35
N SER B 66 -28.52 8.40 -16.36
CA SER B 66 -28.34 8.67 -17.82
C SER B 66 -29.70 8.59 -18.54
N TYR B 67 -30.35 9.75 -18.76
CA TYR B 67 -31.51 9.92 -19.66
C TYR B 67 -31.08 10.50 -21.00
N ALA B 68 -31.87 10.25 -22.06
CA ALA B 68 -31.59 10.61 -23.47
C ALA B 68 -32.02 12.06 -23.72
N GLY B 69 -31.22 12.84 -24.47
CA GLY B 69 -31.60 14.17 -24.97
C GLY B 69 -32.27 14.07 -26.34
N TYR B 79 -26.78 12.23 -21.78
CA TYR B 79 -27.21 13.23 -20.77
C TYR B 79 -27.24 12.58 -19.37
N TYR B 80 -26.84 13.33 -18.33
CA TYR B 80 -26.67 12.81 -16.95
C TYR B 80 -27.26 13.76 -15.90
N ARG B 81 -27.73 13.17 -14.80
CA ARG B 81 -28.39 13.81 -13.65
C ARG B 81 -27.81 13.25 -12.35
N LEU B 82 -27.82 14.08 -11.31
CA LEU B 82 -27.40 13.71 -9.92
C LEU B 82 -28.61 13.07 -9.21
N THR B 83 -28.38 11.92 -8.56
CA THR B 83 -29.43 11.06 -7.95
C THR B 83 -29.62 11.44 -6.49
N GLU B 84 -30.80 11.10 -5.97
CA GLU B 84 -31.22 11.19 -4.55
C GLU B 84 -30.01 10.83 -3.67
N ILE B 85 -29.54 9.57 -3.82
CA ILE B 85 -28.29 9.04 -3.21
C ILE B 85 -27.18 10.08 -3.43
N GLY B 86 -26.68 10.18 -4.67
CA GLY B 86 -25.64 11.14 -5.09
C GLY B 86 -25.58 12.37 -4.22
N HIS B 87 -26.57 13.26 -4.27
CA HIS B 87 -26.50 14.54 -3.52
C HIS B 87 -26.13 14.25 -2.07
N GLU B 88 -26.65 13.15 -1.50
CA GLU B 88 -26.39 12.73 -0.11
C GLU B 88 -24.89 12.48 0.05
N ASN B 89 -24.35 11.48 -0.67
CA ASN B 89 -22.92 11.05 -0.63
C ASN B 89 -21.93 12.21 -0.80
N MET B 90 -22.37 13.34 -1.33
CA MET B 90 -21.56 14.58 -1.41
C MET B 90 -21.79 15.43 -0.16
N ARG B 91 -23.05 15.74 0.13
CA ARG B 91 -23.44 16.47 1.38
C ARG B 91 -22.64 15.84 2.52
N LEU B 92 -22.56 14.50 2.58
CA LEU B 92 -21.75 13.71 3.56
C LEU B 92 -20.28 14.12 3.43
N ALA B 93 -19.64 13.70 2.34
CA ALA B 93 -18.23 13.97 2.01
C ALA B 93 -17.87 15.45 2.27
N PHE B 94 -18.60 16.42 1.73
CA PHE B 94 -18.28 17.85 1.92
C PHE B 94 -18.33 18.21 3.42
N GLU B 95 -19.32 17.68 4.15
CA GLU B 95 -19.51 17.94 5.61
C GLU B 95 -18.30 17.36 6.36
N SER B 96 -17.97 16.09 6.11
CA SER B 96 -16.92 15.37 6.87
C SER B 96 -15.54 15.98 6.59
N TRP B 97 -15.18 16.21 5.32
CA TRP B 97 -13.90 16.86 4.92
C TRP B 97 -13.80 18.31 5.42
N SER B 98 -14.92 19.01 5.61
CA SER B 98 -14.89 20.41 6.10
C SER B 98 -14.46 20.39 7.58
N ARG B 99 -15.04 19.47 8.35
CA ARG B 99 -14.69 19.19 9.77
C ARG B 99 -13.17 18.97 9.86
N VAL B 100 -12.65 18.11 8.98
CA VAL B 100 -11.19 17.79 8.93
C VAL B 100 -10.40 19.09 8.73
N ASP B 101 -10.87 20.00 7.88
CA ASP B 101 -10.18 21.30 7.66
C ASP B 101 -10.07 21.97 9.04
N LYS B 102 -11.18 22.11 9.76
CA LYS B 102 -11.23 22.81 11.08
C LYS B 102 -10.26 22.10 12.04
N ILE B 103 -10.30 20.77 12.09
CA ILE B 103 -9.41 19.94 12.96
C ILE B 103 -7.96 20.34 12.64
N ILE B 104 -7.62 20.54 11.37
CA ILE B 104 -6.23 20.87 10.96
C ILE B 104 -5.91 22.31 11.37
N GLU B 105 -6.81 23.26 11.18
CA GLU B 105 -6.62 24.64 11.71
C GLU B 105 -6.27 24.54 13.21
N ASN B 106 -7.08 23.84 14.00
CA ASN B 106 -6.88 23.73 15.48
C ASN B 106 -5.51 23.10 15.78
N LEU B 107 -5.04 22.14 15.01
CA LEU B 107 -3.68 21.59 15.23
C LEU B 107 -2.64 22.69 15.02
N GLU B 108 -2.80 23.53 13.99
CA GLU B 108 -1.87 24.67 13.72
C GLU B 108 -1.99 25.64 14.91
N ALA B 109 -3.17 25.71 15.54
CA ALA B 109 -3.47 26.64 16.65
C ALA B 109 -2.98 26.05 17.99
N ASN B 110 -3.16 24.74 18.23
CA ASN B 110 -2.53 24.00 19.38
C ASN B 110 -1.05 24.37 19.46
N LYS B 111 -0.37 24.46 18.29
CA LYS B 111 1.10 24.67 18.09
C LYS B 111 1.89 23.58 18.81
N LYS B 112 2.19 22.44 18.15
CA LYS B 112 2.84 21.28 18.85
C LYS B 112 3.55 20.31 17.90
N PRO C 6 18.47 -7.54 5.50
CA PRO C 6 17.88 -6.22 5.13
C PRO C 6 16.46 -5.99 5.70
N LYS C 7 15.84 -4.88 5.31
CA LYS C 7 14.55 -4.41 5.88
C LYS C 7 13.46 -5.33 5.31
N GLU C 8 12.87 -4.92 4.19
CA GLU C 8 11.74 -5.61 3.52
C GLU C 8 12.09 -7.11 3.42
N MET C 9 13.38 -7.46 3.44
CA MET C 9 13.87 -8.87 3.41
C MET C 9 13.29 -9.66 4.58
N LEU C 10 13.75 -9.39 5.79
CA LEU C 10 13.17 -10.08 6.98
C LEU C 10 11.63 -10.02 6.87
N ARG C 11 11.02 -8.86 6.67
CA ARG C 11 9.55 -8.73 6.77
C ARG C 11 8.88 -9.75 5.83
N ALA C 12 9.31 -9.81 4.58
CA ALA C 12 8.70 -10.64 3.52
C ALA C 12 8.85 -12.12 3.85
N GLN C 13 10.07 -12.57 4.11
CA GLN C 13 10.33 -13.94 4.61
C GLN C 13 9.43 -14.23 5.83
N THR C 14 9.24 -13.24 6.69
CA THR C 14 8.41 -13.38 7.89
C THR C 14 6.96 -13.57 7.43
N ASN C 15 6.52 -12.83 6.41
CA ASN C 15 5.19 -12.99 5.77
C ASN C 15 5.04 -14.42 5.22
N VAL C 16 5.98 -14.90 4.44
CA VAL C 16 5.84 -16.19 3.75
C VAL C 16 5.67 -17.29 4.80
N ILE C 17 6.59 -17.35 5.76
CA ILE C 17 6.53 -18.31 6.89
C ILE C 17 5.12 -18.22 7.52
N LEU C 18 4.68 -17.06 8.02
CA LEU C 18 3.37 -16.95 8.73
C LEU C 18 2.31 -17.64 7.90
N LEU C 19 2.16 -17.19 6.66
CA LEU C 19 1.12 -17.67 5.72
C LEU C 19 1.26 -19.19 5.52
N ASN C 20 2.50 -19.69 5.47
CA ASN C 20 2.74 -21.13 5.27
C ASN C 20 2.28 -21.87 6.52
N VAL C 21 2.51 -21.30 7.71
CA VAL C 21 2.04 -21.91 8.98
C VAL C 21 0.51 -22.03 8.93
N LEU C 22 -0.13 -20.92 8.61
CA LEU C 22 -1.59 -20.82 8.73
C LEU C 22 -2.23 -21.82 7.79
N LYS C 23 -1.57 -22.09 6.66
CA LYS C 23 -1.96 -23.06 5.60
C LYS C 23 -2.02 -24.46 6.19
N GLN C 24 -1.12 -24.76 7.11
CA GLN C 24 -1.12 -26.08 7.75
C GLN C 24 -2.40 -26.13 8.58
N GLY C 25 -2.83 -24.98 9.11
CA GLY C 25 -3.86 -24.93 10.19
C GLY C 25 -4.02 -23.53 10.76
N ASP C 26 -5.24 -23.10 11.00
CA ASP C 26 -5.59 -21.97 11.86
C ASP C 26 -4.64 -22.02 13.06
N ASN C 27 -4.12 -20.88 13.49
CA ASN C 27 -3.17 -20.86 14.63
C ASN C 27 -3.24 -19.53 15.37
N TYR C 28 -2.51 -19.44 16.47
CA TYR C 28 -2.47 -18.21 17.32
C TYR C 28 -1.01 -17.91 17.63
N VAL C 29 -0.67 -16.67 17.98
CA VAL C 29 0.73 -16.18 17.92
C VAL C 29 1.67 -17.23 18.50
N TYR C 30 1.42 -17.71 19.71
CA TYR C 30 2.37 -18.57 20.46
C TYR C 30 2.51 -19.92 19.74
N GLY C 31 1.40 -20.51 19.32
CA GLY C 31 1.39 -21.67 18.40
C GLY C 31 2.32 -21.46 17.22
N ILE C 32 2.19 -20.32 16.56
CA ILE C 32 2.99 -19.97 15.36
C ILE C 32 4.47 -19.85 15.74
N ILE C 33 4.81 -19.12 16.79
CA ILE C 33 6.23 -18.97 17.23
C ILE C 33 6.83 -20.36 17.54
N LYS C 34 6.17 -21.20 18.33
CA LYS C 34 6.60 -22.61 18.57
C LYS C 34 6.89 -23.31 17.24
N GLN C 35 5.89 -23.49 16.39
CA GLN C 35 6.00 -24.37 15.19
C GLN C 35 7.15 -23.94 14.28
N VAL C 36 7.49 -22.65 14.29
CA VAL C 36 8.61 -22.13 13.47
C VAL C 36 9.93 -22.41 14.17
N LYS C 37 10.01 -22.21 15.49
CA LYS C 37 11.15 -22.70 16.30
C LYS C 37 11.42 -24.17 15.91
N GLU C 38 10.42 -25.03 16.06
CA GLU C 38 10.48 -26.47 15.67
C GLU C 38 11.07 -26.58 14.27
N ALA C 39 10.39 -26.03 13.26
CA ALA C 39 10.62 -26.29 11.82
C ALA C 39 11.98 -25.74 11.39
N SER C 40 12.48 -24.73 12.11
CA SER C 40 13.75 -24.02 11.86
C SER C 40 14.90 -24.71 12.59
N ASN C 41 14.62 -25.84 13.25
CA ASN C 41 15.60 -26.56 14.10
C ASN C 41 16.20 -25.57 15.14
N GLY C 42 15.40 -24.61 15.63
CA GLY C 42 15.75 -23.66 16.69
C GLY C 42 16.61 -22.50 16.20
N GLU C 43 16.74 -22.32 14.88
CA GLU C 43 17.60 -21.25 14.30
C GLU C 43 16.78 -19.96 14.23
N MET C 44 15.50 -20.08 13.90
CA MET C 44 14.64 -18.90 13.68
C MET C 44 13.63 -18.79 14.82
N GLU C 45 13.77 -17.75 15.64
CA GLU C 45 12.85 -17.51 16.76
C GLU C 45 12.11 -16.22 16.50
N LEU C 46 10.89 -16.29 15.99
CA LEU C 46 10.12 -15.09 15.54
C LEU C 46 9.88 -14.13 16.71
N ASN C 47 10.06 -12.84 16.45
CA ASN C 47 9.75 -11.74 17.39
C ASN C 47 8.23 -11.58 17.44
N GLU C 48 7.69 -11.48 18.64
CA GLU C 48 6.23 -11.42 18.91
C GLU C 48 5.66 -10.06 18.49
N ALA C 49 6.41 -8.97 18.71
CA ALA C 49 6.04 -7.58 18.34
C ALA C 49 5.74 -7.49 16.83
N THR C 50 6.73 -7.91 16.04
CA THR C 50 6.67 -8.00 14.55
C THR C 50 5.31 -8.57 14.14
N LEU C 51 5.08 -9.80 14.61
CA LEU C 51 3.91 -10.67 14.36
C LEU C 51 2.60 -9.91 14.58
N TYR C 52 2.41 -9.14 15.66
CA TYR C 52 1.14 -8.38 15.84
C TYR C 52 1.05 -7.32 14.74
N THR C 53 2.17 -6.93 14.14
CA THR C 53 2.18 -5.83 13.17
C THR C 53 1.72 -6.46 11.87
N ILE C 54 2.48 -7.46 11.43
CA ILE C 54 2.11 -8.28 10.23
C ILE C 54 0.65 -8.77 10.32
N PHE C 55 0.16 -9.28 11.45
CA PHE C 55 -1.27 -9.70 11.57
C PHE C 55 -2.21 -8.56 11.24
N ASP C 56 -2.04 -7.41 11.86
CA ASP C 56 -3.00 -6.28 11.71
C ASP C 56 -3.13 -6.00 10.22
N ARG C 57 -1.96 -5.84 9.58
CA ARG C 57 -1.87 -5.50 8.16
C ARG C 57 -2.61 -6.57 7.35
N LEU C 58 -2.25 -7.85 7.50
CA LEU C 58 -2.84 -8.95 6.68
C LEU C 58 -4.35 -8.99 6.88
N GLU C 59 -4.80 -8.84 8.11
CA GLU C 59 -6.24 -8.72 8.42
C GLU C 59 -6.84 -7.58 7.60
N GLN C 60 -6.12 -6.46 7.52
CA GLN C 60 -6.61 -5.18 6.94
C GLN C 60 -6.76 -5.34 5.43
N ASP C 61 -5.79 -6.00 4.81
CA ASP C 61 -5.72 -6.30 3.35
C ASP C 61 -6.49 -7.58 2.99
N GLY C 62 -7.45 -8.05 3.81
CA GLY C 62 -8.37 -9.17 3.53
C GLY C 62 -7.73 -10.56 3.42
N ILE C 63 -6.45 -10.71 3.70
CA ILE C 63 -5.64 -11.94 3.43
C ILE C 63 -5.88 -12.95 4.54
N ILE C 64 -6.12 -12.45 5.75
CA ILE C 64 -6.42 -13.34 6.90
C ILE C 64 -7.57 -12.71 7.68
N SER C 65 -8.20 -13.52 8.52
CA SER C 65 -9.23 -13.09 9.47
C SER C 65 -8.96 -13.82 10.78
N SER C 66 -9.64 -13.38 11.83
CA SER C 66 -9.32 -13.71 13.23
C SER C 66 -10.63 -14.07 13.89
N TYR C 67 -10.56 -14.93 14.89
CA TYR C 67 -11.76 -15.32 15.64
C TYR C 67 -11.27 -15.71 17.02
N ALA C 68 -12.15 -15.65 18.02
CA ALA C 68 -11.81 -16.12 19.38
C ALA C 68 -11.86 -17.65 19.39
N GLY C 69 -10.86 -18.23 20.03
CA GLY C 69 -10.75 -19.67 20.26
C GLY C 69 -11.60 -20.06 21.45
N ASP C 70 -11.54 -21.33 21.84
CA ASP C 70 -12.32 -21.87 22.98
C ASP C 70 -11.97 -21.04 24.21
N GLU C 71 -12.91 -20.94 25.15
CA GLU C 71 -12.72 -20.27 26.45
C GLU C 71 -11.61 -20.98 27.23
N SER C 72 -10.34 -20.79 26.85
CA SER C 72 -9.15 -21.40 27.52
C SER C 72 -9.03 -20.84 28.95
N GLN C 73 -8.15 -21.43 29.73
CA GLN C 73 -8.10 -21.25 31.20
C GLN C 73 -7.30 -19.97 31.52
N GLY C 74 -6.47 -19.48 30.58
CA GLY C 74 -5.73 -18.20 30.67
C GLY C 74 -6.29 -17.16 29.73
N GLY C 75 -7.62 -17.00 29.74
CA GLY C 75 -8.38 -16.26 28.72
C GLY C 75 -8.39 -16.95 27.35
N ARG C 76 -9.13 -16.38 26.39
CA ARG C 76 -9.15 -16.83 24.97
C ARG C 76 -7.84 -16.51 24.24
N ARG C 77 -7.41 -17.47 23.43
CA ARG C 77 -6.38 -17.27 22.39
C ARG C 77 -7.12 -16.77 21.16
N LYS C 78 -6.44 -15.96 20.34
CA LYS C 78 -7.00 -15.26 19.15
C LYS C 78 -6.41 -15.93 17.91
N TYR C 79 -7.27 -16.55 17.13
CA TYR C 79 -6.94 -17.51 16.06
C TYR C 79 -6.98 -16.74 14.73
N TYR C 80 -6.06 -17.04 13.81
CA TYR C 80 -6.10 -16.55 12.40
C TYR C 80 -6.33 -17.72 11.42
N ARG C 81 -6.94 -17.38 10.28
CA ARG C 81 -7.21 -18.28 9.13
C ARG C 81 -6.81 -17.55 7.84
N LEU C 82 -6.13 -18.23 6.91
CA LEU C 82 -6.18 -17.89 5.45
C LEU C 82 -7.64 -17.79 5.04
N THR C 83 -7.97 -16.63 4.51
CA THR C 83 -9.23 -16.32 3.79
C THR C 83 -9.17 -16.91 2.38
N GLU C 84 -10.33 -17.06 1.79
CA GLU C 84 -10.58 -17.48 0.39
CA GLU C 84 -10.41 -17.62 0.41
C GLU C 84 -9.59 -16.71 -0.51
N ILE C 85 -9.69 -15.39 -0.45
CA ILE C 85 -8.81 -14.42 -1.20
C ILE C 85 -7.33 -14.62 -0.83
N GLY C 86 -7.02 -14.74 0.46
CA GLY C 86 -5.66 -15.11 0.93
C GLY C 86 -5.16 -16.40 0.31
N HIS C 87 -6.01 -17.42 0.19
CA HIS C 87 -5.58 -18.67 -0.48
C HIS C 87 -5.24 -18.36 -1.94
N GLU C 88 -5.96 -17.46 -2.62
CA GLU C 88 -5.72 -17.22 -4.07
C GLU C 88 -4.37 -16.58 -4.22
N ASN C 89 -4.13 -15.48 -3.50
CA ASN C 89 -2.86 -14.70 -3.53
C ASN C 89 -1.68 -15.67 -3.40
N MET C 90 -1.67 -16.48 -2.34
CA MET C 90 -0.61 -17.50 -2.08
C MET C 90 -0.41 -18.41 -3.28
N ARG C 91 -1.48 -18.82 -3.96
CA ARG C 91 -1.41 -19.78 -5.09
C ARG C 91 -0.69 -19.10 -6.26
N LEU C 92 -1.14 -17.90 -6.63
CA LEU C 92 -0.59 -17.08 -7.72
C LEU C 92 0.88 -16.77 -7.40
N ALA C 93 1.18 -16.45 -6.15
CA ALA C 93 2.56 -16.13 -5.72
C ALA C 93 3.43 -17.35 -5.99
N PHE C 94 3.04 -18.47 -5.42
CA PHE C 94 3.74 -19.76 -5.56
C PHE C 94 4.11 -20.01 -7.03
N GLU C 95 3.09 -19.98 -7.91
CA GLU C 95 3.13 -20.40 -9.34
C GLU C 95 3.95 -19.43 -10.20
N SER C 96 3.85 -18.11 -10.00
CA SER C 96 4.67 -17.10 -10.71
C SER C 96 6.15 -17.19 -10.27
N TRP C 97 6.40 -17.37 -8.98
CA TRP C 97 7.77 -17.55 -8.45
C TRP C 97 8.30 -18.85 -9.01
N SER C 98 7.44 -19.83 -9.21
CA SER C 98 7.84 -21.21 -9.58
C SER C 98 8.25 -21.23 -11.06
N ARG C 99 7.70 -20.31 -11.84
CA ARG C 99 8.02 -20.14 -13.27
C ARG C 99 9.30 -19.34 -13.38
N VAL C 100 9.51 -18.38 -12.46
CA VAL C 100 10.79 -17.61 -12.32
C VAL C 100 11.91 -18.59 -11.99
N ASP C 101 11.64 -19.60 -11.17
CA ASP C 101 12.58 -20.75 -11.00
C ASP C 101 12.81 -21.32 -12.41
N LYS C 102 11.86 -22.09 -12.95
CA LYS C 102 11.91 -22.73 -14.30
C LYS C 102 12.75 -21.90 -15.28
N ILE C 103 12.46 -20.60 -15.42
CA ILE C 103 13.30 -19.68 -16.26
C ILE C 103 14.76 -19.99 -15.92
N ILE C 104 15.24 -19.42 -14.82
CA ILE C 104 16.61 -19.56 -14.25
C ILE C 104 17.18 -20.95 -14.58
N GLU C 105 16.59 -22.02 -14.06
CA GLU C 105 17.01 -23.42 -14.33
C GLU C 105 17.47 -23.54 -15.80
N ASN C 106 16.64 -23.08 -16.73
CA ASN C 106 16.93 -23.15 -18.19
C ASN C 106 18.03 -22.14 -18.54
N LEU C 107 17.75 -20.86 -18.28
CA LEU C 107 18.65 -19.69 -18.38
C LEU C 107 20.07 -20.04 -17.89
N GLU C 108 20.16 -20.98 -16.94
CA GLU C 108 21.43 -21.62 -16.50
C GLU C 108 22.06 -22.31 -17.71
N ALA C 109 21.49 -23.41 -18.19
CA ALA C 109 21.89 -24.14 -19.42
C ALA C 109 21.63 -23.25 -20.65
N ASN C 110 22.39 -22.14 -20.76
CA ASN C 110 22.19 -20.98 -21.69
C ASN C 110 20.85 -21.12 -22.42
N ILE D 5 -2.10 -10.70 -8.59
CA ILE D 5 -0.60 -10.54 -8.68
C ILE D 5 -0.25 -9.07 -8.42
N PRO D 6 0.31 -8.73 -7.24
CA PRO D 6 0.78 -7.38 -6.95
C PRO D 6 1.69 -6.79 -8.03
N LYS D 7 2.01 -5.51 -7.83
CA LYS D 7 2.92 -4.70 -8.67
C LYS D 7 4.33 -4.87 -8.08
N GLU D 8 4.52 -4.43 -6.84
CA GLU D 8 5.81 -4.50 -6.12
C GLU D 8 6.42 -5.87 -6.38
N MET D 9 5.66 -6.95 -6.13
CA MET D 9 6.14 -8.34 -6.33
C MET D 9 6.63 -8.49 -7.78
N LEU D 10 5.77 -8.22 -8.76
CA LEU D 10 6.13 -8.35 -10.20
C LEU D 10 7.51 -7.73 -10.42
N ARG D 11 7.76 -6.56 -9.81
CA ARG D 11 9.07 -5.86 -9.78
C ARG D 11 10.15 -6.80 -9.22
N ALA D 12 10.09 -7.12 -7.93
CA ALA D 12 11.09 -8.02 -7.31
C ALA D 12 11.37 -9.16 -8.30
N GLN D 13 10.33 -9.82 -8.82
CA GLN D 13 10.47 -11.01 -9.70
C GLN D 13 11.35 -10.65 -10.91
N THR D 14 11.24 -9.40 -11.36
CA THR D 14 11.96 -8.81 -12.53
C THR D 14 13.45 -8.70 -12.16
N ASN D 15 13.79 -7.90 -11.13
CA ASN D 15 15.15 -7.81 -10.56
C ASN D 15 15.82 -9.18 -10.52
N VAL D 16 15.14 -10.16 -9.93
CA VAL D 16 15.70 -11.50 -9.65
C VAL D 16 16.22 -12.10 -10.96
N ILE D 17 15.38 -12.14 -12.00
CA ILE D 17 15.77 -12.75 -13.31
C ILE D 17 16.68 -11.81 -14.09
N LEU D 18 16.64 -10.51 -13.82
CA LEU D 18 17.68 -9.57 -14.34
C LEU D 18 19.03 -10.05 -13.84
N LEU D 19 19.27 -9.90 -12.54
CA LEU D 19 20.55 -10.23 -11.87
C LEU D 19 20.99 -11.63 -12.29
N ASN D 20 20.06 -12.58 -12.41
CA ASN D 20 20.40 -13.99 -12.70
C ASN D 20 20.79 -14.13 -14.17
N VAL D 21 20.51 -13.09 -14.97
CA VAL D 21 20.96 -13.01 -16.40
C VAL D 21 22.38 -12.42 -16.44
N LEU D 22 22.65 -11.38 -15.63
CA LEU D 22 24.00 -10.76 -15.53
C LEU D 22 24.97 -11.72 -14.85
N LYS D 23 24.49 -12.50 -13.88
CA LYS D 23 25.24 -13.63 -13.27
C LYS D 23 25.75 -14.59 -14.36
N GLN D 24 25.01 -14.74 -15.44
CA GLN D 24 25.35 -15.69 -16.52
C GLN D 24 26.39 -15.04 -17.47
N GLY D 25 26.53 -13.72 -17.43
CA GLY D 25 27.49 -12.93 -18.23
C GLY D 25 26.94 -11.55 -18.55
N ASP D 26 27.80 -10.51 -18.52
CA ASP D 26 27.40 -9.09 -18.76
C ASP D 26 26.79 -8.97 -20.16
N ASN D 27 25.77 -8.11 -20.33
CA ASN D 27 24.83 -8.16 -21.48
C ASN D 27 24.17 -6.79 -21.68
N GLY D 31 20.05 -7.05 -25.26
CA GLY D 31 20.07 -8.51 -25.49
C GLY D 31 19.59 -9.27 -24.26
N ILE D 32 19.37 -8.55 -23.16
CA ILE D 32 18.71 -9.10 -21.94
C ILE D 32 17.39 -9.76 -22.39
N ILE D 33 16.43 -8.92 -22.79
CA ILE D 33 15.02 -9.28 -23.15
C ILE D 33 15.06 -10.62 -23.90
N LYS D 34 15.87 -10.67 -24.96
CA LYS D 34 16.04 -11.85 -25.85
C LYS D 34 16.17 -13.12 -25.00
N GLN D 35 17.22 -13.19 -24.17
CA GLN D 35 17.70 -14.44 -23.47
C GLN D 35 16.55 -15.03 -22.65
N VAL D 36 15.71 -14.17 -22.07
CA VAL D 36 14.48 -14.55 -21.30
C VAL D 36 13.77 -15.70 -22.04
N LYS D 37 13.39 -15.45 -23.30
CA LYS D 37 12.41 -16.26 -24.06
C LYS D 37 13.01 -17.63 -24.36
N GLU D 38 14.30 -17.66 -24.69
CA GLU D 38 15.08 -18.92 -24.80
C GLU D 38 14.74 -19.76 -23.56
N ALA D 39 14.94 -19.16 -22.38
CA ALA D 39 14.78 -19.78 -21.04
C ALA D 39 13.30 -19.85 -20.63
N SER D 40 12.46 -18.88 -21.03
CA SER D 40 11.03 -18.75 -20.62
C SER D 40 10.09 -19.59 -21.52
N ASN D 41 10.61 -20.22 -22.58
CA ASN D 41 9.84 -20.91 -23.66
C ASN D 41 8.86 -19.91 -24.29
N GLY D 42 9.14 -18.61 -24.25
CA GLY D 42 8.34 -17.58 -24.95
C GLY D 42 7.43 -16.83 -24.00
N GLU D 43 7.03 -17.48 -22.91
CA GLU D 43 6.04 -16.97 -21.93
C GLU D 43 6.49 -15.61 -21.37
N MET D 44 7.79 -15.42 -21.04
CA MET D 44 8.26 -14.16 -20.36
C MET D 44 8.86 -13.20 -21.40
N GLU D 45 8.68 -11.89 -21.14
CA GLU D 45 8.93 -10.74 -22.06
C GLU D 45 8.63 -9.42 -21.34
N LEU D 46 9.58 -8.47 -21.35
CA LEU D 46 9.45 -7.18 -20.64
C LEU D 46 9.64 -6.04 -21.65
N ASN D 47 9.63 -4.80 -21.16
CA ASN D 47 9.55 -3.56 -21.98
C ASN D 47 10.98 -3.11 -22.33
N GLU D 48 11.41 -1.96 -21.80
CA GLU D 48 12.62 -1.22 -22.26
C GLU D 48 12.81 0.02 -21.38
N ALA D 49 11.72 0.78 -21.18
CA ALA D 49 11.58 1.80 -20.13
C ALA D 49 11.73 1.12 -18.76
N THR D 50 11.02 0.00 -18.56
CA THR D 50 11.12 -0.86 -17.34
C THR D 50 12.60 -0.88 -16.92
N LEU D 51 13.45 -1.46 -17.77
CA LEU D 51 14.89 -1.74 -17.51
C LEU D 51 15.57 -0.42 -17.08
N TYR D 52 15.42 0.64 -17.89
CA TYR D 52 16.12 1.95 -17.71
C TYR D 52 15.78 2.50 -16.32
N THR D 53 14.50 2.50 -15.94
CA THR D 53 13.97 2.99 -14.64
C THR D 53 14.60 2.18 -13.49
N ILE D 54 14.70 0.85 -13.64
CA ILE D 54 15.29 -0.09 -12.63
C ILE D 54 16.82 0.09 -12.58
N PHE D 55 17.46 0.13 -13.77
CA PHE D 55 18.92 0.20 -13.94
C PHE D 55 19.51 1.47 -13.32
N ASP D 56 18.82 2.62 -13.40
CA ASP D 56 19.32 3.93 -12.90
C ASP D 56 19.29 3.92 -11.36
N ARG D 57 18.26 3.32 -10.76
CA ARG D 57 18.15 3.16 -9.29
C ARG D 57 19.18 2.14 -8.84
N LEU D 58 19.38 1.09 -9.65
CA LEU D 58 20.38 0.02 -9.38
C LEU D 58 21.79 0.55 -9.58
N GLU D 59 22.05 1.25 -10.71
CA GLU D 59 23.29 2.03 -10.96
C GLU D 59 23.84 2.48 -9.60
N GLN D 60 23.03 3.22 -8.84
CA GLN D 60 23.30 3.61 -7.43
C GLN D 60 23.09 2.41 -6.50
N ASP D 61 23.43 2.57 -5.23
CA ASP D 61 23.34 1.50 -4.21
C ASP D 61 24.58 0.59 -4.33
N GLY D 62 25.37 0.76 -5.42
CA GLY D 62 26.65 0.05 -5.67
C GLY D 62 26.44 -1.31 -6.31
N ILE D 63 25.28 -1.50 -6.96
CA ILE D 63 24.73 -2.85 -7.29
C ILE D 63 25.19 -3.30 -8.69
N ILE D 64 25.19 -2.38 -9.66
CA ILE D 64 25.66 -2.62 -11.06
C ILE D 64 26.27 -1.33 -11.65
N SER D 65 27.04 -1.51 -12.73
CA SER D 65 27.67 -0.43 -13.56
C SER D 65 27.91 -0.95 -14.99
N ARG D 81 27.31 -4.58 -16.12
CA ARG D 81 28.33 -5.04 -15.14
C ARG D 81 27.64 -5.42 -13.81
N LEU D 82 27.78 -6.68 -13.38
CA LEU D 82 27.36 -7.19 -12.04
C LEU D 82 28.48 -6.92 -11.01
N THR D 83 28.24 -6.09 -9.98
CA THR D 83 29.31 -5.56 -9.10
C THR D 83 29.86 -6.66 -8.17
N GLU D 84 30.85 -6.28 -7.36
CA GLU D 84 31.50 -7.14 -6.33
C GLU D 84 30.47 -7.32 -5.21
N ILE D 85 29.73 -6.24 -4.90
CA ILE D 85 28.60 -6.18 -3.92
C ILE D 85 27.47 -7.11 -4.37
N GLY D 86 26.86 -6.76 -5.51
CA GLY D 86 25.76 -7.48 -6.17
C GLY D 86 25.92 -9.00 -6.07
N HIS D 87 27.14 -9.50 -6.28
CA HIS D 87 27.45 -10.95 -6.23
C HIS D 87 27.04 -11.49 -4.85
N GLU D 88 27.24 -10.71 -3.79
CA GLU D 88 27.04 -11.24 -2.41
C GLU D 88 25.57 -11.05 -2.02
N ASN D 89 25.04 -9.84 -2.16
CA ASN D 89 23.57 -9.60 -2.12
C ASN D 89 22.83 -10.79 -2.70
N MET D 90 23.17 -11.20 -3.93
CA MET D 90 22.53 -12.36 -4.58
C MET D 90 22.73 -13.60 -3.70
N ARG D 91 23.96 -13.87 -3.27
CA ARG D 91 24.30 -15.11 -2.51
C ARG D 91 23.49 -15.14 -1.22
N LEU D 92 23.41 -13.99 -0.55
CA LEU D 92 22.71 -13.84 0.76
C LEU D 92 21.22 -14.10 0.56
N ALA D 93 20.57 -13.27 -0.24
CA ALA D 93 19.17 -13.44 -0.67
C ALA D 93 18.97 -14.93 -0.90
N PHE D 94 19.76 -15.50 -1.80
CA PHE D 94 19.63 -16.91 -2.21
C PHE D 94 19.64 -17.78 -0.96
N GLU D 95 20.66 -17.59 -0.12
CA GLU D 95 20.97 -18.51 1.00
C GLU D 95 19.80 -18.50 1.97
N SER D 96 19.33 -17.28 2.32
CA SER D 96 18.31 -17.06 3.38
C SER D 96 16.96 -17.57 2.90
N TRP D 97 16.61 -17.24 1.65
CA TRP D 97 15.40 -17.77 0.98
C TRP D 97 15.45 -19.28 0.97
N SER D 98 16.63 -19.86 0.77
CA SER D 98 16.79 -21.33 0.65
C SER D 98 16.47 -21.97 2.00
N ARG D 99 16.73 -21.27 3.09
CA ARG D 99 16.45 -21.79 4.45
C ARG D 99 14.95 -21.70 4.71
N VAL D 100 14.28 -20.64 4.20
CA VAL D 100 12.81 -20.48 4.33
C VAL D 100 12.16 -21.71 3.72
N ASP D 101 12.50 -21.99 2.46
CA ASP D 101 12.04 -23.19 1.73
C ASP D 101 12.14 -24.45 2.62
N LYS D 102 13.21 -24.65 3.40
CA LYS D 102 13.38 -25.91 4.18
C LYS D 102 12.48 -25.84 5.41
N ILE D 103 12.39 -24.65 6.00
CA ILE D 103 11.47 -24.39 7.16
C ILE D 103 10.06 -24.74 6.69
N ILE D 104 9.72 -24.37 5.47
CA ILE D 104 8.36 -24.63 4.94
C ILE D 104 8.18 -26.14 4.74
N GLU D 105 9.16 -26.81 4.14
CA GLU D 105 9.20 -28.28 3.96
C GLU D 105 8.93 -28.93 5.32
N ASN D 106 9.63 -28.51 6.37
CA ASN D 106 9.36 -28.95 7.76
C ASN D 106 7.88 -28.70 8.12
N LEU D 107 7.35 -27.53 7.81
CA LEU D 107 5.94 -27.17 8.12
C LEU D 107 5.00 -28.11 7.34
N GLU D 108 5.40 -28.55 6.13
CA GLU D 108 4.56 -29.35 5.20
C GLU D 108 4.51 -30.79 5.69
N ALA D 109 5.68 -31.45 5.76
CA ALA D 109 5.89 -32.77 6.42
C ALA D 109 5.65 -32.62 7.93
N ASN D 110 4.39 -32.53 8.33
CA ASN D 110 3.99 -32.41 9.76
C ASN D 110 2.48 -32.63 9.84
NI NI E . 10.34 18.18 8.11
NI NI F . 11.64 17.03 7.99
CAC 8TF G . -14.59 14.53 -1.67
CAD 8TF G . -14.12 13.08 -1.85
NAA 8TF G . -12.59 12.71 -1.47
CAE 8TF G . -12.22 11.37 -1.55
CAJ 8TF G . -12.93 10.24 -1.84
CAI 8TF G . -12.37 8.96 -1.80
CAH 8TF G . -11.03 8.80 -1.43
CAG 8TF G . -10.32 9.96 -1.11
CAF 8TF G . -10.93 11.19 -1.14
CAK 8TF G . -10.39 12.45 -0.88
CAL 8TF G . -9.39 12.52 0.28
CAM 8TF G . -9.49 12.71 -2.03
CAN 8TF G . -11.52 13.39 -0.92
CAO 8TF G . -11.61 14.75 -0.73
CAP 8TF G . -10.69 15.70 -0.21
CBF 8TF G . -10.95 17.05 0.01
OBH 8TF G . -11.96 17.72 -0.19
CAQ 8TF G . -9.35 15.92 0.27
OBG 8TF G . -8.31 15.28 0.46
CAR 8TF G . -9.66 17.27 0.49
CAS 8TF G . -8.86 18.30 1.02
CAT 8TF G . -9.21 19.60 1.18
CBC 8TF G . -10.43 20.25 0.90
CBD 8TF G . -10.74 20.23 -0.60
CBE 8TF G . -11.59 19.69 1.75
CAX 8TF G . -10.21 21.56 1.26
CAY 8TF G . -11.05 22.61 1.19
CAZ 8TF G . -10.62 23.87 1.60
CBA 8TF G . -9.31 24.03 2.07
CBB 8TF G . -8.50 22.90 2.11
CAW 8TF G . -8.96 21.70 1.70
NAB 8TF G . -8.34 20.51 1.66
CAU 8TF G . -6.85 20.37 2.04
CAV 8TF G . -6.57 20.81 3.49
NI NI H . -30.27 18.30 -8.44
NI NI I . -30.49 15.55 -9.22
CAC 8TF J . 12.30 -10.74 -2.05
CAD 8TF J . 11.74 -11.62 -3.15
NAA 8TF J . 10.39 -12.32 -2.70
CAE 8TF J . 9.31 -11.64 -2.26
CAJ 8TF J . 9.11 -10.31 -2.11
CAI 8TF J . 7.91 -9.81 -1.64
CAH 8TF J . 6.89 -10.69 -1.32
CAG 8TF J . 7.13 -12.05 -1.49
CAF 8TF J . 8.31 -12.49 -1.95
CAK 8TF J . 8.72 -13.80 -2.19
CAL 8TF J . 8.78 -14.55 -0.89
CAM 8TF J . 7.65 -14.54 -2.99
CAN 8TF J . 10.05 -13.63 -2.79
CAO 8TF J . 10.99 -14.54 -3.17
CAP 8TF J . 10.83 -15.92 -3.27
CBF 8TF J . 11.77 -16.85 -3.72
OBH 8TF J . 12.91 -16.70 -4.15
CAQ 8TF J . 9.92 -16.96 -3.04
OBG 8TF J . 8.75 -17.12 -2.64
CAR 8TF J . 10.84 -17.88 -3.49
CAS 8TF J . 10.63 -19.24 -3.55
CAT 8TF J . 11.45 -20.18 -4.00
CBC 8TF J . 12.81 -20.12 -4.38
CBD 8TF J . 13.10 -19.18 -5.56
CBE 8TF J . 13.71 -19.66 -3.20
CAX 8TF J . 13.10 -21.48 -4.67
CAY 8TF J . 14.22 -22.06 -5.13
CAZ 8TF J . 14.26 -23.44 -5.35
CBA 8TF J . 13.13 -24.23 -5.09
CBB 8TF J . 12.00 -23.58 -4.60
CAW 8TF J . 12.00 -22.25 -4.40
NAB 8TF J . 11.03 -21.45 -3.96
CAU 8TF J . 9.68 -21.96 -3.50
CAV 8TF J . 8.56 -21.61 -4.51
#